data_4IUV
#
_entry.id   4IUV
#
_cell.length_a   118.355
_cell.length_b   54.533
_cell.length_c   53.109
_cell.angle_alpha   90.00
_cell.angle_beta   90.00
_cell.angle_gamma   90.00
#
_symmetry.space_group_name_H-M   'P 21 21 2'
#
loop_
_entity.id
_entity.type
_entity.pdbx_description
1 polymer 'SAWADEE HOMEODOMAIN HOMOLOG 1'
2 polymer 'Histone H3.2, H3(1-15)K9me3'
3 non-polymer 'ZINC ION'
4 non-polymer CYMAL-4
5 water water
#
loop_
_entity_poly.entity_id
_entity_poly.type
_entity_poly.pdbx_seq_one_letter_code
_entity_poly.pdbx_strand_id
1 'polypeptide(L)'
;SADLAFEAKSARDYAWYDVSSFLTYRVLRTGELEVRVRFSGFDNRHDEWVNVKTSVRERSIPVEPSECGRVNVGDLLLCF
QEREDQALYCDGHVLNIKRGIHDHARCNCVFLVRYELDNTEESLGLERICRRPEE
;
B,A
2 'polypeptide(L)' ART(MLZ)QTAR(MLZ)STGGKA C
#
loop_
_chem_comp.id
_chem_comp.type
_chem_comp.name
_chem_comp.formula
CVM non-polymer CYMAL-4 'C22 H40 O11'
ZN non-polymer 'ZINC ION' 'Zn 2'
#
# COMPACT_ATOMS: atom_id res chain seq x y z
N ALA A 2 31.28 -12.36 0.78
CA ALA A 2 30.02 -12.99 1.18
C ALA A 2 28.89 -12.68 0.20
N ASP A 3 27.81 -13.44 0.31
CA ASP A 3 26.72 -13.41 -0.68
C ASP A 3 26.02 -12.05 -0.84
N LEU A 4 25.40 -11.87 -1.99
CA LEU A 4 24.59 -10.69 -2.27
C LEU A 4 23.25 -10.79 -1.57
N ALA A 5 22.79 -9.66 -1.05
CA ALA A 5 21.46 -9.56 -0.43
C ALA A 5 20.82 -8.28 -0.92
N PHE A 6 19.51 -8.27 -1.04
CA PHE A 6 18.83 -7.16 -1.69
C PHE A 6 17.71 -6.55 -0.88
N GLU A 7 17.28 -5.37 -1.31
CA GLU A 7 16.10 -4.72 -0.79
C GLU A 7 15.25 -4.31 -1.98
N ALA A 8 13.94 -4.21 -1.77
CA ALA A 8 13.03 -3.83 -2.84
C ALA A 8 12.12 -2.71 -2.41
N LYS A 9 11.88 -1.78 -3.34
CA LYS A 9 11.02 -0.64 -3.07
C LYS A 9 9.56 -1.07 -3.21
N SER A 10 8.75 -0.71 -2.22
CA SER A 10 7.32 -1.03 -2.28
C SER A 10 6.56 0.05 -3.05
N ALA A 11 5.66 -0.38 -3.94
CA ALA A 11 4.89 0.56 -4.75
C ALA A 11 3.73 1.16 -3.96
N ARG A 12 3.57 0.68 -2.73
CA ARG A 12 2.52 1.19 -1.85
C ARG A 12 2.99 2.45 -1.13
N ASP A 13 4.03 2.29 -0.32
CA ASP A 13 4.51 3.35 0.54
C ASP A 13 5.83 3.95 0.06
N TYR A 14 6.40 3.34 -0.99
CA TYR A 14 7.63 3.83 -1.60
C TYR A 14 8.86 3.66 -0.71
N ALA A 15 8.75 2.76 0.27
CA ALA A 15 9.88 2.45 1.14
C ALA A 15 10.59 1.18 0.67
N TRP A 16 11.73 0.90 1.28
CA TRP A 16 12.52 -0.26 0.90
C TRP A 16 12.43 -1.36 1.94
N TYR A 17 12.29 -2.59 1.48
CA TYR A 17 12.21 -3.75 2.37
C TYR A 17 13.20 -4.81 1.92
N ASP A 18 13.71 -5.59 2.86
CA ASP A 18 14.69 -6.62 2.54
C ASP A 18 14.04 -7.77 1.80
N VAL A 19 14.57 -8.09 0.63
CA VAL A 19 14.09 -9.23 -0.14
C VAL A 19 14.61 -10.53 0.47
N SER A 20 13.68 -11.38 0.89
CA SER A 20 14.03 -12.70 1.39
C SER A 20 14.40 -13.60 0.22
N SER A 21 13.57 -13.59 -0.82
CA SER A 21 13.84 -14.36 -2.02
C SER A 21 13.09 -13.81 -3.23
N PHE A 22 13.40 -14.36 -4.41
CA PHE A 22 12.76 -13.94 -5.64
C PHE A 22 11.99 -15.12 -6.24
N LEU A 23 10.80 -14.85 -6.75
CA LEU A 23 9.89 -15.93 -7.17
C LEU A 23 9.85 -16.13 -8.67
N THR A 24 9.61 -15.06 -9.41
CA THR A 24 9.48 -15.14 -10.86
C THR A 24 9.60 -13.75 -11.47
N TYR A 25 9.47 -13.66 -12.78
CA TYR A 25 9.55 -12.38 -13.47
C TYR A 25 8.48 -12.27 -14.55
N ARG A 26 8.31 -11.06 -15.07
CA ARG A 26 7.36 -10.82 -16.13
C ARG A 26 7.77 -9.57 -16.91
N VAL A 27 7.47 -9.55 -18.20
CA VAL A 27 7.74 -8.39 -19.01
C VAL A 27 6.44 -7.63 -19.27
N LEU A 28 6.52 -6.32 -19.33
CA LEU A 28 5.37 -5.51 -19.70
C LEU A 28 5.44 -5.21 -21.18
N ARG A 29 4.29 -5.06 -21.82
CA ARG A 29 4.28 -4.73 -23.25
C ARG A 29 5.03 -3.43 -23.50
N THR A 30 5.07 -2.57 -22.48
CA THR A 30 5.85 -1.34 -22.55
C THR A 30 7.34 -1.68 -22.59
N GLY A 31 7.68 -2.85 -22.07
CA GLY A 31 9.05 -3.35 -22.14
C GLY A 31 9.78 -3.51 -20.82
N GLU A 32 9.21 -2.98 -19.75
CA GLU A 32 9.88 -3.04 -18.44
C GLU A 32 9.96 -4.45 -17.89
N LEU A 33 11.06 -4.74 -17.22
CA LEU A 33 11.23 -5.98 -16.54
C LEU A 33 10.83 -5.85 -15.08
N GLU A 34 9.93 -6.69 -14.66
CA GLU A 34 9.52 -6.71 -13.27
C GLU A 34 9.80 -8.08 -12.67
N VAL A 35 9.89 -8.11 -11.35
CA VAL A 35 10.27 -9.33 -10.64
C VAL A 35 9.33 -9.47 -9.46
N ARG A 36 8.88 -10.70 -9.18
CA ARG A 36 8.05 -10.92 -8.01
C ARG A 36 8.91 -11.19 -6.80
N VAL A 37 8.76 -10.34 -5.78
CA VAL A 37 9.64 -10.37 -4.62
C VAL A 37 8.96 -10.84 -3.34
N ARG A 38 9.62 -11.75 -2.64
CA ARG A 38 9.15 -12.24 -1.35
C ARG A 38 9.93 -11.55 -0.25
N PHE A 39 9.21 -10.84 0.62
CA PHE A 39 9.86 -10.02 1.65
C PHE A 39 10.23 -10.78 2.92
N SER A 40 10.79 -10.06 3.89
CA SER A 40 11.27 -10.66 5.13
C SER A 40 10.41 -10.30 6.33
N GLY A 41 9.82 -11.31 6.94
CA GLY A 41 8.96 -11.13 8.09
C GLY A 41 7.60 -11.76 7.91
N HIS A 46 3.90 -8.67 2.00
CA HIS A 46 4.22 -10.10 1.92
C HIS A 46 4.78 -10.46 0.54
N ASP A 47 4.03 -10.14 -0.52
CA ASP A 47 4.45 -10.48 -1.88
C ASP A 47 4.11 -9.41 -2.92
N GLU A 48 5.14 -8.88 -3.58
CA GLU A 48 4.97 -7.79 -4.54
C GLU A 48 5.62 -8.05 -5.89
N TRP A 49 5.17 -7.32 -6.90
CA TRP A 49 5.89 -7.19 -8.16
C TRP A 49 6.66 -5.87 -8.09
N VAL A 50 7.95 -5.90 -8.38
CA VAL A 50 8.74 -4.67 -8.39
C VAL A 50 9.59 -4.52 -9.65
N ASN A 51 9.70 -3.28 -10.11
CA ASN A 51 10.57 -2.95 -11.24
C ASN A 51 12.01 -3.31 -10.90
N VAL A 52 12.58 -4.27 -11.63
CA VAL A 52 13.96 -4.66 -11.43
C VAL A 52 14.88 -3.44 -11.50
N LYS A 53 14.77 -2.72 -12.61
CA LYS A 53 15.65 -1.59 -12.92
C LYS A 53 15.68 -0.52 -11.84
N THR A 54 14.50 -0.13 -11.36
CA THR A 54 14.39 0.97 -10.40
C THR A 54 14.19 0.53 -8.96
N SER A 55 13.34 -0.47 -8.75
CA SER A 55 12.88 -0.83 -7.42
C SER A 55 13.57 -2.04 -6.78
N VAL A 56 14.64 -2.52 -7.40
CA VAL A 56 15.44 -3.57 -6.77
C VAL A 56 16.90 -3.16 -6.74
N ARG A 57 17.53 -3.35 -5.58
CA ARG A 57 18.93 -3.02 -5.44
C ARG A 57 19.55 -3.80 -4.28
N GLU A 58 20.86 -3.75 -4.21
CA GLU A 58 21.62 -4.42 -3.17
C GLU A 58 21.40 -3.73 -1.83
N ARG A 59 21.14 -4.54 -0.80
CA ARG A 59 20.79 -4.04 0.52
C ARG A 59 21.76 -2.97 1.05
N SER A 60 21.20 -1.96 1.70
CA SER A 60 22.01 -0.91 2.31
C SER A 60 22.79 -1.47 3.50
N ILE A 61 23.92 -0.84 3.81
CA ILE A 61 24.78 -1.33 4.88
C ILE A 61 24.80 -0.37 6.07
N PRO A 62 24.63 -0.91 7.29
CA PRO A 62 24.74 -0.11 8.50
C PRO A 62 26.12 0.51 8.63
N VAL A 63 26.20 1.68 9.25
CA VAL A 63 27.47 2.39 9.42
C VAL A 63 27.93 2.34 10.87
N GLU A 64 29.18 1.94 11.08
CA GLU A 64 29.75 1.85 12.42
C GLU A 64 30.36 3.19 12.83
N PRO A 65 30.21 3.57 14.11
CA PRO A 65 30.69 4.85 14.62
C PRO A 65 32.07 5.25 14.11
N SER A 66 32.98 4.28 14.02
CA SER A 66 34.33 4.55 13.51
C SER A 66 34.36 4.78 12.00
N GLU A 67 33.20 4.63 11.35
CA GLU A 67 33.10 4.80 9.90
C GLU A 67 32.50 6.14 9.48
N CYS A 68 31.79 6.78 10.40
CA CYS A 68 30.98 7.95 10.08
C CYS A 68 31.67 8.96 9.16
N GLY A 69 32.98 8.90 9.07
CA GLY A 69 33.72 9.79 8.20
C GLY A 69 33.41 9.52 6.75
N ARG A 70 32.98 8.31 6.44
CA ARG A 70 32.72 7.90 5.07
C ARG A 70 31.36 8.37 4.53
N VAL A 71 30.55 8.96 5.41
CA VAL A 71 29.26 9.49 5.02
C VAL A 71 29.34 11.00 4.81
N ASN A 72 28.94 11.48 3.64
CA ASN A 72 29.17 12.88 3.28
C ASN A 72 27.92 13.59 2.76
N VAL A 73 28.00 14.93 2.73
CA VAL A 73 26.94 15.75 2.17
C VAL A 73 26.69 15.38 0.70
N GLY A 74 25.44 15.09 0.38
CA GLY A 74 25.07 14.70 -0.97
C GLY A 74 24.84 13.22 -1.11
N ASP A 75 25.37 12.44 -0.17
CA ASP A 75 25.23 10.99 -0.20
C ASP A 75 23.76 10.56 -0.17
N LEU A 76 23.48 9.42 -0.78
CA LEU A 76 22.16 8.82 -0.72
C LEU A 76 22.11 7.80 0.42
N LEU A 77 21.05 7.83 1.21
CA LEU A 77 20.97 6.98 2.39
C LEU A 77 19.57 6.39 2.61
N LEU A 78 19.54 5.14 3.08
CA LEU A 78 18.31 4.54 3.55
C LEU A 78 18.09 5.00 4.98
N CYS A 79 17.07 5.80 5.19
CA CYS A 79 16.83 6.42 6.50
C CYS A 79 15.62 5.83 7.21
N PHE A 80 15.78 5.54 8.50
CA PHE A 80 14.64 5.15 9.31
C PHE A 80 13.80 6.38 9.62
N GLN A 81 12.55 6.36 9.19
CA GLN A 81 11.69 7.53 9.28
C GLN A 81 10.50 7.28 10.21
N GLU A 82 10.57 7.83 11.41
CA GLU A 82 9.49 7.67 12.39
C GLU A 82 8.47 8.78 12.30
N ARG A 83 7.20 8.41 12.30
CA ARG A 83 6.11 9.37 12.32
C ARG A 83 5.02 8.86 13.26
N GLU A 84 3.83 9.45 13.19
CA GLU A 84 2.72 9.05 14.05
C GLU A 84 2.73 7.55 14.36
N ASP A 85 1.89 6.82 13.64
CA ASP A 85 1.81 5.38 13.80
C ASP A 85 3.02 4.69 13.18
N GLN A 86 3.17 4.86 11.86
CA GLN A 86 4.10 4.09 11.07
C GLN A 86 5.55 4.52 11.20
N ALA A 87 6.43 3.69 10.64
CA ALA A 87 7.85 4.00 10.48
C ALA A 87 8.33 3.25 9.23
N LEU A 88 9.03 3.96 8.35
CA LEU A 88 9.49 3.37 7.11
C LEU A 88 10.97 3.64 6.86
N TYR A 89 11.62 2.76 6.11
CA TYR A 89 12.98 3.00 5.66
C TYR A 89 12.94 3.50 4.23
N CYS A 90 13.16 4.80 4.03
CA CYS A 90 13.07 5.40 2.71
C CYS A 90 14.30 6.25 2.35
N ASP A 91 14.47 6.51 1.06
CA ASP A 91 15.65 7.22 0.57
C ASP A 91 15.68 8.70 0.92
N GLY A 92 16.86 9.18 1.30
CA GLY A 92 17.08 10.59 1.56
C GLY A 92 18.50 10.96 1.19
N HIS A 93 18.77 12.25 1.08
CA HIS A 93 20.12 12.73 0.78
C HIS A 93 20.65 13.61 1.89
N VAL A 94 21.91 13.41 2.26
CA VAL A 94 22.54 14.22 3.28
C VAL A 94 22.70 15.65 2.77
N LEU A 95 22.11 16.60 3.49
CA LEU A 95 22.22 18.00 3.12
C LEU A 95 23.36 18.66 3.88
N ASN A 96 23.44 18.35 5.17
CA ASN A 96 24.42 18.97 6.06
C ASN A 96 24.78 18.05 7.21
N ILE A 97 26.02 18.13 7.68
CA ILE A 97 26.47 17.29 8.79
C ILE A 97 27.11 18.10 9.92
N LYS A 98 26.62 17.90 11.13
CA LYS A 98 27.27 18.44 12.31
C LYS A 98 28.07 17.33 12.97
N ARG A 99 29.40 17.43 12.89
CA ARG A 99 30.27 16.42 13.46
C ARG A 99 30.43 16.62 14.96
N GLY A 100 30.32 15.53 15.71
CA GLY A 100 30.46 15.58 17.15
C GLY A 100 31.76 14.95 17.61
N ILE A 101 31.97 14.90 18.93
CA ILE A 101 33.12 14.24 19.51
C ILE A 101 32.70 12.93 20.15
N HIS A 102 33.15 11.82 19.58
CA HIS A 102 32.79 10.52 20.10
C HIS A 102 33.87 9.51 19.72
N ASP A 103 33.81 8.35 20.35
CA ASP A 103 34.77 7.29 20.08
C ASP A 103 34.20 6.28 19.10
N HIS A 104 34.62 5.03 19.27
CA HIS A 104 34.22 3.93 18.41
C HIS A 104 32.89 3.35 18.88
N ALA A 105 32.41 3.83 20.02
CA ALA A 105 31.27 3.22 20.70
C ALA A 105 29.91 3.68 20.19
N ARG A 106 29.81 4.96 19.87
CA ARG A 106 28.53 5.56 19.46
C ARG A 106 28.79 6.86 18.71
N CYS A 107 28.06 7.07 17.62
CA CYS A 107 28.25 8.26 16.80
C CYS A 107 27.21 9.33 17.09
N ASN A 108 27.64 10.45 17.66
CA ASN A 108 26.73 11.54 17.97
C ASN A 108 26.75 12.67 16.93
N CYS A 109 27.33 12.37 15.75
CA CYS A 109 27.26 13.28 14.63
C CYS A 109 25.80 13.38 14.16
N VAL A 110 25.41 14.56 13.69
CA VAL A 110 24.02 14.78 13.28
C VAL A 110 23.89 15.01 11.79
N PHE A 111 23.00 14.27 11.16
CA PHE A 111 22.83 14.32 9.72
C PHE A 111 21.49 14.92 9.31
N LEU A 112 21.53 16.06 8.62
CA LEU A 112 20.33 16.62 8.03
C LEU A 112 20.14 16.02 6.64
N VAL A 113 19.04 15.32 6.45
CA VAL A 113 18.78 14.67 5.16
C VAL A 113 17.43 15.12 4.61
N ARG A 114 17.32 15.15 3.29
CA ARG A 114 16.06 15.46 2.65
C ARG A 114 15.45 14.22 2.00
N TYR A 115 14.32 13.77 2.55
CA TYR A 115 13.64 12.60 1.99
C TYR A 115 13.27 12.85 0.53
N GLU A 116 13.49 11.83 -0.31
CA GLU A 116 13.28 11.96 -1.73
C GLU A 116 11.82 12.18 -2.09
N LEU A 117 10.94 11.38 -1.47
CA LEU A 117 9.52 11.41 -1.79
C LEU A 117 8.91 12.82 -1.69
N ASP A 118 8.72 13.29 -0.47
CA ASP A 118 7.99 14.53 -0.23
C ASP A 118 8.90 15.74 0.02
N ASN A 119 10.22 15.52 -0.04
CA ASN A 119 11.18 16.62 0.09
C ASN A 119 11.26 17.20 1.51
N THR A 120 10.81 16.42 2.49
CA THR A 120 10.86 16.86 3.89
C THR A 120 12.27 16.70 4.47
N GLU A 121 12.51 17.36 5.60
CA GLU A 121 13.84 17.36 6.21
C GLU A 121 13.81 16.88 7.66
N GLU A 122 14.89 16.25 8.10
CA GLU A 122 14.97 15.71 9.45
C GLU A 122 16.41 15.51 9.90
N SER A 123 16.64 15.63 11.21
CA SER A 123 17.96 15.38 11.77
C SER A 123 18.06 13.95 12.30
N LEU A 124 18.93 13.17 11.67
CA LEU A 124 19.09 11.75 12.01
C LEU A 124 20.48 11.45 12.55
N GLY A 125 20.55 10.49 13.47
CA GLY A 125 21.82 10.00 13.96
C GLY A 125 22.27 8.81 13.15
N LEU A 126 23.57 8.51 13.20
CA LEU A 126 24.12 7.40 12.44
C LEU A 126 23.34 6.11 12.70
N GLU A 127 22.66 6.07 13.83
CA GLU A 127 21.94 4.87 14.25
C GLU A 127 20.66 4.67 13.44
N ARG A 128 20.30 5.68 12.65
CA ARG A 128 19.07 5.62 11.85
C ARG A 128 19.32 5.63 10.34
N ILE A 129 20.58 5.54 9.94
CA ILE A 129 20.90 5.56 8.51
C ILE A 129 21.73 4.37 8.05
N CYS A 130 21.47 3.95 6.82
CA CYS A 130 22.24 2.89 6.17
C CYS A 130 22.73 3.42 4.82
N ARG A 131 24.03 3.31 4.59
CA ARG A 131 24.62 3.80 3.35
C ARG A 131 24.42 2.81 2.22
N ARG A 132 24.58 3.29 0.99
CA ARG A 132 24.62 2.41 -0.18
C ARG A 132 26.03 1.84 -0.25
N PRO A 133 26.16 0.62 -0.81
CA PRO A 133 27.49 0.00 -0.91
C PRO A 133 28.50 0.95 -1.54
N GLU A 134 29.76 0.85 -1.11
CA GLU A 134 30.86 1.65 -1.67
C GLU A 134 31.01 3.01 -1.00
N SER B 1 -10.81 -20.29 10.19
CA SER B 1 -11.26 -19.40 9.13
C SER B 1 -12.76 -19.59 8.86
N ALA B 2 -13.40 -18.53 8.37
CA ALA B 2 -14.82 -18.59 8.02
C ALA B 2 -14.98 -18.90 6.54
N ASP B 3 -16.15 -19.44 6.17
CA ASP B 3 -16.43 -19.71 4.77
C ASP B 3 -16.24 -18.44 3.94
N LEU B 4 -15.69 -18.60 2.75
CA LEU B 4 -15.46 -17.47 1.87
C LEU B 4 -16.76 -16.85 1.39
N ALA B 5 -16.79 -15.52 1.41
CA ALA B 5 -17.88 -14.77 0.80
C ALA B 5 -17.26 -13.79 -0.19
N PHE B 6 -18.04 -13.35 -1.18
CA PHE B 6 -17.44 -12.62 -2.29
C PHE B 6 -18.12 -11.31 -2.63
N GLU B 7 -17.41 -10.50 -3.40
CA GLU B 7 -17.94 -9.26 -3.94
C GLU B 7 -17.55 -9.20 -5.42
N ALA B 8 -18.43 -8.66 -6.26
CA ALA B 8 -18.14 -8.58 -7.68
C ALA B 8 -18.18 -7.15 -8.19
N LYS B 9 -17.32 -6.86 -9.17
CA LYS B 9 -17.21 -5.53 -9.75
C LYS B 9 -18.20 -5.39 -10.89
N SER B 10 -19.11 -4.43 -10.78
CA SER B 10 -20.12 -4.20 -11.80
C SER B 10 -19.56 -3.44 -12.99
N ALA B 11 -19.78 -3.97 -14.20
CA ALA B 11 -19.31 -3.32 -15.41
C ALA B 11 -20.15 -2.09 -15.71
N ARG B 12 -21.28 -1.96 -15.01
CA ARG B 12 -22.17 -0.83 -15.18
C ARG B 12 -21.59 0.45 -14.56
N ASP B 13 -21.11 0.35 -13.34
CA ASP B 13 -20.57 1.51 -12.63
C ASP B 13 -19.21 1.29 -11.98
N TYR B 14 -18.65 0.09 -12.14
CA TYR B 14 -17.32 -0.24 -11.63
C TYR B 14 -17.27 -0.27 -10.10
N ALA B 15 -18.43 -0.29 -9.47
CA ALA B 15 -18.50 -0.46 -8.02
C ALA B 15 -18.49 -1.93 -7.68
N TRP B 16 -18.11 -2.26 -6.45
CA TRP B 16 -18.15 -3.64 -5.99
C TRP B 16 -19.44 -3.93 -5.23
N TYR B 17 -20.00 -5.12 -5.43
CA TYR B 17 -21.23 -5.50 -4.75
C TYR B 17 -21.11 -6.91 -4.19
N ASP B 18 -21.67 -7.14 -3.01
CA ASP B 18 -21.69 -8.47 -2.44
C ASP B 18 -22.36 -9.43 -3.40
N VAL B 19 -21.70 -10.55 -3.68
CA VAL B 19 -22.28 -11.61 -4.50
C VAL B 19 -23.07 -12.56 -3.60
N SER B 20 -24.32 -12.81 -3.97
CA SER B 20 -25.19 -13.68 -3.19
C SER B 20 -25.07 -15.13 -3.65
N SER B 21 -24.75 -15.31 -4.92
CA SER B 21 -24.64 -16.65 -5.51
C SER B 21 -24.15 -16.61 -6.96
N PHE B 22 -23.60 -17.73 -7.39
CA PHE B 22 -23.15 -17.89 -8.77
C PHE B 22 -24.05 -18.92 -9.45
N LEU B 23 -24.69 -18.52 -10.54
CA LEU B 23 -25.72 -19.33 -11.16
C LEU B 23 -25.18 -20.28 -12.23
N THR B 24 -24.03 -19.92 -12.80
CA THR B 24 -23.49 -20.64 -13.94
C THR B 24 -22.24 -19.93 -14.44
N TYR B 25 -21.70 -20.41 -15.55
CA TYR B 25 -20.56 -19.75 -16.18
C TYR B 25 -20.63 -19.90 -17.69
N ARG B 26 -19.66 -19.31 -18.38
CA ARG B 26 -19.57 -19.46 -19.84
C ARG B 26 -18.15 -19.20 -20.33
N VAL B 27 -17.87 -19.67 -21.53
CA VAL B 27 -16.57 -19.46 -22.16
C VAL B 27 -16.77 -18.85 -23.54
N LEU B 28 -16.35 -17.60 -23.70
CA LEU B 28 -16.42 -16.96 -25.00
C LEU B 28 -15.42 -17.65 -25.92
N ARG B 29 -15.64 -17.54 -27.23
CA ARG B 29 -14.79 -18.22 -28.21
C ARG B 29 -13.32 -17.79 -28.08
N THR B 30 -13.08 -16.81 -27.23
CA THR B 30 -11.74 -16.28 -27.02
C THR B 30 -11.03 -16.96 -25.86
N GLY B 31 -11.74 -17.85 -25.17
CA GLY B 31 -11.21 -18.50 -23.98
C GLY B 31 -11.65 -17.76 -22.73
N GLU B 32 -12.13 -16.54 -22.91
CA GLU B 32 -12.59 -15.73 -21.78
C GLU B 32 -13.62 -16.49 -20.97
N LEU B 33 -13.34 -16.63 -19.68
CA LEU B 33 -14.22 -17.35 -18.78
C LEU B 33 -14.95 -16.36 -17.88
N GLU B 34 -16.28 -16.39 -17.93
CA GLU B 34 -17.10 -15.48 -17.15
C GLU B 34 -18.12 -16.25 -16.30
N VAL B 35 -18.19 -15.89 -15.03
CA VAL B 35 -19.19 -16.47 -14.14
C VAL B 35 -20.40 -15.55 -14.06
N ARG B 36 -21.59 -16.13 -14.03
CA ARG B 36 -22.83 -15.37 -13.95
C ARG B 36 -23.18 -15.12 -12.48
N VAL B 37 -23.35 -13.85 -12.12
CA VAL B 37 -23.42 -13.46 -10.72
C VAL B 37 -24.73 -12.80 -10.30
N ARG B 38 -25.27 -13.24 -9.16
CA ARG B 38 -26.41 -12.56 -8.55
C ARG B 38 -25.96 -11.73 -7.37
N PHE B 39 -26.20 -10.44 -7.45
CA PHE B 39 -25.85 -9.52 -6.38
C PHE B 39 -26.91 -9.53 -5.29
N SER B 40 -26.47 -9.46 -4.04
CA SER B 40 -27.36 -9.23 -2.92
C SER B 40 -27.29 -7.76 -2.53
N GLY B 41 -28.44 -7.16 -2.25
CA GLY B 41 -29.72 -7.79 -2.50
C GLY B 41 -30.44 -7.11 -3.64
N PHE B 42 -30.42 -7.75 -4.80
CA PHE B 42 -31.08 -7.21 -5.99
C PHE B 42 -31.70 -8.37 -6.74
N ASP B 43 -32.70 -8.07 -7.57
CA ASP B 43 -33.32 -9.11 -8.39
C ASP B 43 -32.49 -9.39 -9.65
N ASN B 44 -32.93 -10.38 -10.42
CA ASN B 44 -32.16 -10.86 -11.57
C ASN B 44 -31.87 -9.83 -12.67
N ARG B 45 -32.57 -8.70 -12.63
CA ARG B 45 -32.33 -7.60 -13.56
C ARG B 45 -30.91 -7.07 -13.38
N HIS B 46 -30.35 -7.35 -12.21
CA HIS B 46 -29.04 -6.84 -11.83
C HIS B 46 -27.94 -7.86 -12.10
N ASP B 47 -28.33 -9.10 -12.40
CA ASP B 47 -27.37 -10.16 -12.66
C ASP B 47 -26.44 -9.79 -13.82
N GLU B 48 -25.19 -10.23 -13.73
CA GLU B 48 -24.19 -9.88 -14.73
C GLU B 48 -23.26 -11.04 -15.04
N TRP B 49 -22.65 -11.01 -16.22
CA TRP B 49 -21.55 -11.90 -16.56
C TRP B 49 -20.24 -11.19 -16.27
N VAL B 50 -19.55 -11.61 -15.22
CA VAL B 50 -18.29 -10.98 -14.85
C VAL B 50 -17.09 -11.89 -15.09
N ASN B 51 -15.96 -11.28 -15.40
CA ASN B 51 -14.69 -11.99 -15.41
C ASN B 51 -14.30 -12.29 -13.96
N VAL B 52 -13.68 -13.45 -13.75
CA VAL B 52 -13.53 -14.06 -12.42
C VAL B 52 -12.27 -13.68 -11.63
N LYS B 53 -11.21 -13.32 -12.36
CA LYS B 53 -9.91 -13.01 -11.81
C LYS B 53 -9.86 -11.54 -11.43
N THR B 54 -10.49 -10.74 -12.28
CA THR B 54 -10.38 -9.30 -12.19
C THR B 54 -11.60 -8.62 -11.60
N SER B 55 -12.74 -9.30 -11.57
CA SER B 55 -13.99 -8.70 -11.14
C SER B 55 -14.66 -9.44 -9.97
N VAL B 56 -14.04 -10.52 -9.51
CA VAL B 56 -14.54 -11.23 -8.35
C VAL B 56 -13.44 -11.43 -7.32
N ARG B 57 -13.78 -11.22 -6.05
CA ARG B 57 -12.79 -11.33 -4.98
C ARG B 57 -13.47 -11.51 -3.62
N GLU B 58 -12.69 -11.96 -2.65
CA GLU B 58 -13.17 -12.12 -1.28
C GLU B 58 -13.65 -10.78 -0.74
N ARG B 59 -14.67 -10.82 0.12
CA ARG B 59 -15.33 -9.60 0.60
C ARG B 59 -14.44 -8.66 1.38
N SER B 60 -14.58 -7.37 1.09
CA SER B 60 -13.97 -6.34 1.92
C SER B 60 -14.71 -6.32 3.25
N ILE B 61 -14.05 -5.81 4.29
CA ILE B 61 -14.60 -5.89 5.64
C ILE B 61 -14.71 -4.54 6.31
N PRO B 62 -15.89 -4.25 6.91
CA PRO B 62 -16.02 -3.06 7.73
C PRO B 62 -14.94 -3.05 8.81
N VAL B 63 -14.16 -1.97 8.87
CA VAL B 63 -13.13 -1.84 9.89
C VAL B 63 -13.72 -1.29 11.17
N GLU B 64 -13.46 -1.96 12.29
CA GLU B 64 -13.99 -1.55 13.58
C GLU B 64 -13.06 -0.55 14.27
N PRO B 65 -13.64 0.36 15.07
CA PRO B 65 -12.97 1.46 15.76
C PRO B 65 -11.65 1.08 16.43
N SER B 66 -11.53 -0.15 16.91
CA SER B 66 -10.33 -0.56 17.65
C SER B 66 -9.14 -0.88 16.76
N GLU B 67 -9.42 -1.26 15.51
CA GLU B 67 -8.36 -1.75 14.61
C GLU B 67 -7.93 -0.75 13.53
N CYS B 68 -8.35 0.50 13.66
CA CYS B 68 -7.98 1.53 12.69
C CYS B 68 -6.47 1.56 12.48
N GLY B 69 -5.71 1.15 13.48
CA GLY B 69 -4.26 1.26 13.47
C GLY B 69 -3.54 0.36 12.48
N ARG B 70 -4.25 -0.61 11.91
CA ARG B 70 -3.65 -1.49 10.92
C ARG B 70 -3.77 -0.92 9.51
N VAL B 71 -4.57 0.13 9.39
CA VAL B 71 -4.76 0.82 8.11
C VAL B 71 -3.62 1.80 7.88
N ASN B 72 -2.80 1.51 6.88
CA ASN B 72 -1.64 2.36 6.60
C ASN B 72 -1.68 3.02 5.21
N VAL B 73 -0.91 4.09 5.06
CA VAL B 73 -0.82 4.78 3.78
C VAL B 73 -0.42 3.81 2.68
N GLY B 74 -1.09 3.92 1.53
CA GLY B 74 -0.82 3.03 0.41
C GLY B 74 -1.76 1.85 0.33
N ASP B 75 -2.52 1.63 1.40
CA ASP B 75 -3.46 0.52 1.47
C ASP B 75 -4.62 0.69 0.49
N LEU B 76 -5.04 -0.43 -0.10
CA LEU B 76 -6.22 -0.43 -0.96
C LEU B 76 -7.48 -0.60 -0.11
N LEU B 77 -8.41 0.34 -0.25
CA LEU B 77 -9.66 0.29 0.50
C LEU B 77 -10.87 0.25 -0.40
N LEU B 78 -11.93 -0.41 0.06
CA LEU B 78 -13.23 -0.30 -0.56
C LEU B 78 -13.97 0.80 0.18
N CYS B 79 -14.13 1.95 -0.46
CA CYS B 79 -14.66 3.14 0.20
C CYS B 79 -16.09 3.44 -0.22
N PHE B 80 -16.94 3.80 0.75
CA PHE B 80 -18.31 4.16 0.44
C PHE B 80 -18.37 5.60 -0.06
N GLN B 81 -18.30 5.75 -1.38
CA GLN B 81 -18.27 7.06 -2.02
C GLN B 81 -19.68 7.57 -2.26
N GLU B 82 -20.20 8.33 -1.30
CA GLU B 82 -21.57 8.83 -1.40
C GLU B 82 -21.63 10.13 -2.16
N ARG B 83 -21.90 10.05 -3.46
CA ARG B 83 -22.14 11.22 -4.28
C ARG B 83 -23.63 11.55 -4.23
N GLU B 84 -24.09 12.47 -5.07
CA GLU B 84 -25.50 12.82 -5.10
C GLU B 84 -26.26 11.99 -6.13
N ASP B 85 -25.56 11.52 -7.16
CA ASP B 85 -26.18 10.76 -8.24
C ASP B 85 -26.09 9.26 -8.01
N GLN B 86 -25.54 8.87 -6.87
CA GLN B 86 -25.28 7.47 -6.58
C GLN B 86 -24.47 7.34 -5.30
N ALA B 87 -24.62 6.21 -4.62
CA ALA B 87 -23.79 5.89 -3.46
C ALA B 87 -23.23 4.48 -3.62
N LEU B 88 -21.92 4.38 -3.86
CA LEU B 88 -21.31 3.10 -4.21
C LEU B 88 -20.07 2.80 -3.38
N TYR B 89 -19.56 1.58 -3.55
CA TYR B 89 -18.27 1.20 -3.00
C TYR B 89 -17.25 1.14 -4.13
N CYS B 90 -16.29 2.07 -4.11
CA CYS B 90 -15.24 2.09 -5.10
C CYS B 90 -13.91 1.73 -4.46
N ASP B 91 -12.99 1.20 -5.25
CA ASP B 91 -11.63 1.02 -4.79
C ASP B 91 -10.95 2.37 -4.68
N GLY B 92 -10.10 2.51 -3.68
CA GLY B 92 -9.35 3.74 -3.49
C GLY B 92 -8.08 3.43 -2.73
N HIS B 93 -7.18 4.39 -2.65
CA HIS B 93 -5.95 4.21 -1.90
C HIS B 93 -5.77 5.31 -0.88
N VAL B 94 -5.21 4.97 0.27
CA VAL B 94 -4.96 5.95 1.32
C VAL B 94 -3.75 6.78 0.94
N LEU B 95 -3.97 8.08 0.76
CA LEU B 95 -2.85 8.99 0.49
C LEU B 95 -2.18 9.41 1.79
N ASN B 96 -3.00 9.72 2.79
CA ASN B 96 -2.49 10.00 4.14
C ASN B 96 -3.59 9.96 5.19
N ILE B 97 -3.20 9.80 6.45
CA ILE B 97 -4.15 9.76 7.55
C ILE B 97 -3.87 10.84 8.57
N LYS B 98 -4.93 11.44 9.09
CA LYS B 98 -4.83 12.30 10.26
C LYS B 98 -5.42 11.57 11.46
N ARG B 99 -4.55 10.94 12.24
CA ARG B 99 -4.97 10.14 13.38
C ARG B 99 -5.57 11.01 14.48
N GLY B 100 -6.56 10.50 15.18
CA GLY B 100 -7.17 11.21 16.29
C GLY B 100 -7.01 10.48 17.61
N ILE B 101 -7.21 11.19 18.71
CA ILE B 101 -7.17 10.57 20.03
C ILE B 101 -8.58 10.16 20.41
N HIS B 102 -8.83 8.85 20.41
CA HIS B 102 -10.16 8.32 20.63
C HIS B 102 -10.08 6.94 21.24
N ASP B 103 -11.15 6.54 21.91
CA ASP B 103 -11.24 5.20 22.50
C ASP B 103 -11.53 4.18 21.43
N HIS B 104 -12.07 3.04 21.85
CA HIS B 104 -12.40 1.97 20.92
C HIS B 104 -13.88 1.94 20.63
N ALA B 105 -14.63 2.82 21.30
CA ALA B 105 -16.07 2.92 21.08
C ALA B 105 -16.37 3.43 19.67
N ARG B 106 -15.71 4.52 19.29
CA ARG B 106 -15.88 5.10 17.96
C ARG B 106 -14.59 5.76 17.51
N CYS B 107 -14.15 5.42 16.30
CA CYS B 107 -12.94 6.02 15.74
C CYS B 107 -13.22 7.41 15.18
N ASN B 108 -12.28 8.32 15.38
CA ASN B 108 -12.43 9.69 14.89
C ASN B 108 -11.35 10.06 13.87
N CYS B 109 -10.49 9.11 13.54
CA CYS B 109 -9.44 9.35 12.55
C CYS B 109 -10.04 9.74 11.22
N VAL B 110 -9.26 10.42 10.39
CA VAL B 110 -9.72 10.90 9.10
C VAL B 110 -8.82 10.45 7.96
N PHE B 111 -9.38 9.68 7.04
CA PHE B 111 -8.60 9.06 5.95
C PHE B 111 -8.79 9.78 4.62
N LEU B 112 -7.69 10.23 4.03
CA LEU B 112 -7.72 10.83 2.70
C LEU B 112 -7.39 9.77 1.66
N VAL B 113 -8.29 9.58 0.69
CA VAL B 113 -8.09 8.54 -0.31
C VAL B 113 -8.18 9.07 -1.73
N ARG B 114 -7.43 8.43 -2.63
CA ARG B 114 -7.52 8.69 -4.06
C ARG B 114 -8.21 7.51 -4.74
N TYR B 115 -9.39 7.75 -5.29
CA TYR B 115 -10.12 6.70 -5.99
C TYR B 115 -9.39 6.26 -7.24
N GLU B 116 -9.36 4.95 -7.46
CA GLU B 116 -8.66 4.37 -8.59
C GLU B 116 -9.30 4.70 -9.92
N LEU B 117 -10.63 4.84 -9.94
CA LEU B 117 -11.36 5.08 -11.18
C LEU B 117 -10.97 6.39 -11.87
N ASP B 118 -11.05 7.50 -11.13
CA ASP B 118 -10.88 8.82 -11.74
C ASP B 118 -9.80 9.67 -11.06
N ASN B 119 -9.13 9.09 -10.06
CA ASN B 119 -8.08 9.79 -9.33
C ASN B 119 -8.56 10.98 -8.50
N THR B 120 -9.88 11.07 -8.29
CA THR B 120 -10.42 12.09 -7.41
C THR B 120 -10.14 11.69 -5.96
N GLU B 121 -10.30 12.64 -5.04
CA GLU B 121 -9.95 12.40 -3.65
C GLU B 121 -11.06 12.79 -2.68
N GLU B 122 -11.00 12.23 -1.48
CA GLU B 122 -12.00 12.49 -0.45
C GLU B 122 -11.48 12.12 0.94
N SER B 123 -11.87 12.90 1.94
CA SER B 123 -11.52 12.61 3.32
C SER B 123 -12.63 11.80 3.96
N LEU B 124 -12.31 10.56 4.34
CA LEU B 124 -13.33 9.62 4.81
C LEU B 124 -13.19 9.27 6.30
N GLY B 125 -14.32 9.15 6.97
CA GLY B 125 -14.35 8.61 8.31
C GLY B 125 -14.19 7.11 8.24
N LEU B 126 -14.15 6.45 9.39
CA LEU B 126 -13.99 5.00 9.40
C LEU B 126 -15.30 4.30 9.05
N GLU B 127 -16.42 5.00 9.21
CA GLU B 127 -17.74 4.43 8.95
C GLU B 127 -18.00 4.18 7.47
N ARG B 128 -16.99 4.42 6.64
CA ARG B 128 -17.16 4.27 5.19
C ARG B 128 -16.05 3.50 4.49
N ILE B 129 -15.07 3.04 5.26
CA ILE B 129 -13.98 2.27 4.68
C ILE B 129 -14.01 0.79 5.06
N CYS B 130 -13.78 -0.06 4.07
CA CYS B 130 -13.65 -1.50 4.28
C CYS B 130 -12.29 -1.92 3.76
N ARG B 131 -11.64 -2.84 4.49
CA ARG B 131 -10.30 -3.28 4.14
C ARG B 131 -10.34 -4.55 3.32
N ARG B 132 -9.19 -4.94 2.79
CA ARG B 132 -9.02 -6.23 2.16
C ARG B 132 -8.52 -7.20 3.21
N PRO B 133 -8.94 -8.47 3.11
CA PRO B 133 -8.54 -9.51 4.08
C PRO B 133 -7.03 -9.57 4.31
N GLU B 134 -6.63 -9.59 5.58
CA GLU B 134 -5.23 -9.62 5.98
C GLU B 134 -4.40 -8.55 5.27
N THR C 3 -21.07 -3.83 9.68
CA THR C 3 -21.72 -4.17 8.42
C THR C 3 -21.46 -3.14 7.33
N MLZ C 4 -22.21 -3.25 6.24
CA MLZ C 4 -22.01 -2.41 5.04
CB MLZ C 4 -21.89 -3.34 3.84
CG MLZ C 4 -20.63 -3.18 3.02
CD MLZ C 4 -20.66 -4.17 1.86
CE MLZ C 4 -19.32 -4.21 1.14
NZ MLZ C 4 -19.43 -4.60 -0.26
CM MLZ C 4 -18.50 -5.57 -0.76
C MLZ C 4 -23.20 -1.55 4.80
O MLZ C 4 -24.33 -1.98 4.93
N GLN C 5 -22.97 -0.30 4.44
CA GLN C 5 -24.05 0.61 4.12
C GLN C 5 -24.75 0.10 2.87
N THR C 6 -25.96 0.55 2.62
CA THR C 6 -26.64 0.12 1.42
C THR C 6 -26.38 1.05 0.25
N ALA C 7 -25.90 0.50 -0.85
CA ALA C 7 -25.68 1.31 -2.03
C ALA C 7 -26.97 1.70 -2.74
N ARG C 8 -26.95 2.86 -3.36
CA ARG C 8 -27.96 3.22 -4.34
C ARG C 8 -27.30 3.57 -5.64
N MLZ C 9 -27.76 2.98 -6.72
CA MLZ C 9 -27.21 3.25 -8.06
CB MLZ C 9 -27.24 1.99 -8.91
CG MLZ C 9 -27.49 0.74 -8.08
CD MLZ C 9 -27.62 -0.45 -9.02
CE MLZ C 9 -26.43 -1.37 -8.91
NZ MLZ C 9 -26.69 -2.71 -9.37
CM MLZ C 9 -25.80 -3.78 -8.99
C MLZ C 9 -27.91 4.36 -8.78
O MLZ C 9 -28.91 4.87 -8.34
N SER C 10 -27.35 4.75 -9.92
CA SER C 10 -27.77 5.91 -10.69
C SER C 10 -29.15 5.86 -11.37
N THR C 11 -29.18 5.26 -12.56
CA THR C 11 -30.35 5.10 -13.40
C THR C 11 -29.93 4.47 -14.73
ZN ZN D . 30.22 10.19 13.90
C1 CVM E . 19.75 -6.80 -9.32
C2 CVM E . 18.77 -7.78 -9.94
C3 CVM E . 18.03 -8.55 -8.87
C4 CVM E . 18.91 -9.61 -8.27
C6 CVM E . 18.28 -10.96 -8.46
C7 CVM E . 18.71 -11.90 -7.36
C8 CVM E . 18.58 -13.34 -7.80
C9 CVM E . 17.54 -13.53 -8.88
C10 CVM E . 17.93 -12.75 -10.12
C11 CVM E . 18.77 -11.54 -9.77
O12 CVM E . 19.19 -5.52 -9.49
C13 CVM E . 20.14 -4.61 -9.97
O14 CVM E . 20.78 -4.22 -8.79
C15 CVM E . 21.66 -3.14 -9.10
C16 CVM E . 20.85 -1.88 -9.27
C17 CVM E . 20.39 -2.22 -10.67
C18 CVM E . 19.47 -3.41 -10.63
C19 CVM E . 22.69 -3.17 -7.98
O20 CVM E . 23.38 -4.41 -8.09
O21 CVM E . 19.74 -1.11 -11.28
O22 CVM E . 19.11 -3.73 -11.97
O23 CVM E . 21.59 -0.68 -9.36
ZN ZN F . -8.63 5.83 14.59
C1 CVM G . -12.14 -16.33 -6.56
C2 CVM G . -13.26 -16.76 -7.49
C3 CVM G . -14.45 -17.38 -6.76
C4 CVM G . -15.07 -18.49 -7.59
C6 CVM G . -16.55 -18.64 -7.26
C7 CVM G . -16.68 -19.06 -5.82
C8 CVM G . -18.10 -19.43 -5.50
C9 CVM G . -18.41 -20.74 -6.17
C10 CVM G . -17.38 -20.98 -7.25
C11 CVM G . -17.16 -19.74 -8.11
O12 CVM G . -11.63 -15.23 -7.27
C13 CVM G . -10.54 -14.58 -6.68
O14 CVM G . -9.59 -14.66 -7.66
C15 CVM G . -8.66 -13.66 -7.48
C16 CVM G . -7.82 -14.03 -6.25
C17 CVM G . -8.66 -14.65 -5.09
C18 CVM G . -9.90 -15.36 -5.59
C19 CVM G . -7.92 -13.73 -8.81
O20 CVM G . -8.25 -14.93 -9.51
O21 CVM G . -7.92 -15.64 -4.40
O22 CVM G . -10.81 -15.49 -4.52
O23 CVM G . -7.04 -12.85 -5.88
#